data_2O83
#
_entry.id   2O83
#
_entity_poly.entity_id   1
_entity_poly.type   'polyribonucleotide'
_entity_poly.pdbx_seq_one_letter_code
;GG(IC)GA(IG)CCA
;
_entity_poly.pdbx_strand_id   A,B
#